data_6JD5
#
_entry.id   6JD5
#
_cell.length_a   51.449
_cell.length_b   69.691
_cell.length_c   75.963
_cell.angle_alpha   90.000
_cell.angle_beta   100.570
_cell.angle_gamma   90.000
#
_symmetry.space_group_name_H-M   'P 1 21 1'
#
loop_
_entity.id
_entity.type
_entity.pdbx_description
1 polymer 'ESX conserved component EccC2. ESX-2 type VII secretion system protein. Possible membrane protein'
2 non-polymer "ADENOSINE-5'-TRIPHOSPHATE"
3 non-polymer 'MAGNESIUM ION'
4 water water
#
_entity_poly.entity_id   1
_entity_poly.type   'polypeptide(L)'
_entity_poly.pdbx_seq_one_letter_code
;GPGSHASLQRLPQRVELSAIVEHEAVHQGGDDLSIAFAIGERHELGPVPIKLRESPGLMILGRQGCGKTTALVAIGEAVM
NRFSPQQAQLTLIDPKTAPHGLRDLHAPGYVRAYAYDQDEIDEVITELAQQILLPRLPPKGLSQEELRALKPWEGPRHFV
LIDDVQDLRPAQSYPQKPPVGAALWKLMERARQVGLHVFSTRNSANWATMPMDPWVKSQTSAKVAQLYMDNDPQNRINRS
VRAQTLPPGRGLLVGADGDVEGILVGYPSVPGEQ
;
_entity_poly.pdbx_strand_id   A,B
#
# COMPACT_ATOMS: atom_id res chain seq x y z
N SER A 7 -8.95 -35.92 -15.93
CA SER A 7 -7.58 -35.67 -16.38
C SER A 7 -6.91 -34.68 -15.42
N LEU A 8 -5.58 -34.56 -15.50
CA LEU A 8 -4.85 -33.63 -14.65
C LEU A 8 -3.51 -33.25 -15.28
N GLN A 9 -3.54 -32.25 -16.15
CA GLN A 9 -2.35 -31.82 -16.85
C GLN A 9 -1.58 -30.71 -16.19
N ARG A 10 -0.35 -30.51 -16.59
CA ARG A 10 0.44 -29.41 -16.04
C ARG A 10 0.21 -28.14 -16.85
N LEU A 11 0.31 -26.97 -16.14
CA LEU A 11 -0.04 -25.67 -16.70
C LEU A 11 1.17 -25.02 -17.39
N PRO A 12 0.94 -24.22 -18.43
CA PRO A 12 2.06 -23.56 -19.09
C PRO A 12 2.65 -22.48 -18.21
N GLN A 13 3.72 -21.85 -18.67
CA GLN A 13 4.25 -20.73 -17.91
C GLN A 13 3.36 -19.51 -18.05
N ARG A 14 2.59 -19.43 -19.14
CA ARG A 14 1.82 -18.25 -19.45
C ARG A 14 0.79 -18.61 -20.52
N VAL A 15 -0.36 -17.94 -20.49
CA VAL A 15 -1.39 -18.09 -21.52
C VAL A 15 -2.09 -16.75 -21.70
N GLU A 16 -2.41 -16.43 -22.94
CA GLU A 16 -3.06 -15.17 -23.25
C GLU A 16 -4.54 -15.24 -22.89
N LEU A 17 -5.03 -14.19 -22.21
CA LEU A 17 -6.44 -14.14 -21.86
C LEU A 17 -7.32 -14.15 -23.10
N SER A 18 -6.82 -13.64 -24.23
CA SER A 18 -7.61 -13.61 -25.47
C SER A 18 -7.94 -15.02 -25.95
N ALA A 19 -7.01 -15.97 -25.78
CA ALA A 19 -7.33 -17.35 -26.07
C ALA A 19 -8.49 -17.84 -25.21
N ILE A 20 -8.54 -17.42 -23.94
CA ILE A 20 -9.59 -17.91 -23.05
C ILE A 20 -10.94 -17.29 -23.43
N VAL A 21 -10.94 -16.00 -23.77
CA VAL A 21 -12.19 -15.31 -24.09
C VAL A 21 -12.78 -15.83 -25.40
N GLU A 22 -11.94 -15.95 -26.44
CA GLU A 22 -12.43 -16.40 -27.73
C GLU A 22 -13.04 -17.79 -27.67
N HIS A 23 -12.59 -18.61 -26.71
CA HIS A 23 -13.07 -19.98 -26.57
C HIS A 23 -14.41 -20.04 -25.83
N GLU A 24 -14.50 -19.38 -24.67
CA GLU A 24 -15.77 -19.30 -23.94
C GLU A 24 -16.88 -18.76 -24.83
N ALA A 25 -16.57 -17.74 -25.65
CA ALA A 25 -17.54 -17.18 -26.58
C ALA A 25 -18.16 -18.27 -27.46
N VAL A 26 -17.33 -19.14 -28.02
CA VAL A 26 -17.83 -20.21 -28.88
C VAL A 26 -18.29 -21.38 -28.03
N GLY A 30 -26.25 -23.92 -22.71
CA GLY A 30 -27.00 -24.15 -21.49
C GLY A 30 -27.84 -22.94 -21.08
N ASP A 31 -27.71 -22.51 -19.81
CA ASP A 31 -28.08 -21.15 -19.38
C ASP A 31 -26.93 -20.63 -18.50
N ASP A 32 -25.86 -20.32 -19.16
CA ASP A 32 -24.69 -19.88 -18.49
C ASP A 32 -24.74 -18.53 -17.80
N LEU A 33 -24.20 -18.47 -16.61
CA LEU A 33 -23.97 -17.20 -15.97
C LEU A 33 -22.56 -17.28 -15.44
N SER A 34 -21.59 -17.24 -16.33
CA SER A 34 -20.23 -17.36 -15.90
C SER A 34 -19.24 -16.56 -16.68
N ILE A 35 -18.15 -16.22 -16.02
CA ILE A 35 -17.03 -15.62 -16.71
C ILE A 35 -15.85 -16.56 -16.54
N ALA A 36 -14.85 -16.40 -17.39
CA ALA A 36 -13.63 -17.19 -17.30
C ALA A 36 -12.44 -16.28 -17.57
N PHE A 37 -11.41 -16.37 -16.73
CA PHE A 37 -10.21 -15.56 -16.89
C PHE A 37 -8.95 -16.39 -16.74
N ALA A 38 -9.07 -17.71 -16.65
CA ALA A 38 -7.95 -18.60 -16.35
C ALA A 38 -8.20 -19.95 -17.01
N ILE A 39 -7.17 -20.79 -17.01
CA ILE A 39 -7.27 -22.19 -17.45
C ILE A 39 -6.89 -23.06 -16.26
N GLY A 40 -7.31 -24.32 -16.33
CA GLY A 40 -7.23 -25.20 -15.17
C GLY A 40 -6.66 -26.58 -15.44
N GLU A 41 -6.04 -27.14 -14.40
CA GLU A 41 -5.52 -28.50 -14.45
C GLU A 41 -6.63 -29.53 -14.69
N ARG A 42 -7.80 -29.31 -14.11
CA ARG A 42 -8.88 -30.29 -14.16
C ARG A 42 -9.89 -29.96 -15.24
N HIS A 43 -9.58 -28.98 -16.09
CA HIS A 43 -10.39 -28.60 -17.24
C HIS A 43 -9.63 -28.78 -18.55
N GLU A 44 -8.63 -29.68 -18.56
CA GLU A 44 -7.84 -29.99 -19.75
C GLU A 44 -7.13 -28.75 -20.30
N LEU A 45 -6.62 -27.91 -19.40
CA LEU A 45 -5.95 -26.65 -19.75
C LEU A 45 -6.84 -25.74 -20.60
N GLY A 46 -8.15 -25.81 -20.39
CA GLY A 46 -9.05 -24.86 -21.00
C GLY A 46 -9.66 -23.97 -19.93
N PRO A 47 -10.62 -23.13 -20.33
CA PRO A 47 -11.17 -22.13 -19.40
C PRO A 47 -11.79 -22.74 -18.15
N VAL A 48 -11.58 -22.07 -17.02
CA VAL A 48 -12.21 -22.42 -15.75
C VAL A 48 -13.35 -21.43 -15.51
N PRO A 49 -14.61 -21.83 -15.70
CA PRO A 49 -15.70 -20.88 -15.50
C PRO A 49 -15.94 -20.62 -14.03
N ILE A 50 -16.18 -19.35 -13.70
CA ILE A 50 -16.64 -18.97 -12.38
C ILE A 50 -18.15 -18.86 -12.49
N LYS A 51 -18.86 -19.82 -11.92
CA LYS A 51 -20.32 -19.87 -12.02
C LYS A 51 -20.88 -18.86 -11.03
N LEU A 52 -21.40 -17.76 -11.55
CA LEU A 52 -21.70 -16.60 -10.71
C LEU A 52 -22.95 -16.77 -9.84
N ARG A 53 -23.83 -17.75 -10.16
CA ARG A 53 -24.93 -18.06 -9.25
C ARG A 53 -24.42 -18.78 -8.01
N GLU A 54 -23.37 -19.60 -8.16
CA GLU A 54 -22.75 -20.35 -7.09
C GLU A 54 -21.72 -19.51 -6.32
N SER A 55 -20.72 -18.97 -7.03
CA SER A 55 -19.71 -18.09 -6.45
C SER A 55 -19.83 -16.75 -7.16
N PRO A 56 -20.60 -15.80 -6.60
CA PRO A 56 -20.80 -14.51 -7.29
C PRO A 56 -19.55 -13.62 -7.30
N GLY A 57 -18.60 -13.85 -6.40
CA GLY A 57 -17.32 -13.16 -6.46
C GLY A 57 -16.14 -14.08 -6.20
N LEU A 58 -14.99 -13.47 -5.88
CA LEU A 58 -13.77 -14.18 -5.55
C LEU A 58 -12.98 -13.39 -4.52
N MET A 59 -12.37 -14.10 -3.58
CA MET A 59 -11.32 -13.53 -2.76
C MET A 59 -9.98 -14.02 -3.31
N ILE A 60 -9.05 -13.10 -3.55
CA ILE A 60 -7.75 -13.44 -4.12
C ILE A 60 -6.65 -13.10 -3.11
N LEU A 61 -5.86 -14.09 -2.72
CA LEU A 61 -4.85 -13.98 -1.68
C LEU A 61 -3.49 -14.35 -2.22
N GLY A 62 -2.50 -13.47 -2.06
CA GLY A 62 -1.17 -13.76 -2.57
C GLY A 62 -0.11 -12.84 -2.02
N ARG A 63 1.13 -13.32 -2.10
CA ARG A 63 2.27 -12.52 -1.67
C ARG A 63 2.65 -11.53 -2.77
N GLN A 64 3.64 -10.71 -2.48
CA GLN A 64 4.00 -9.63 -3.38
C GLN A 64 4.40 -10.20 -4.73
N GLY A 65 3.95 -9.55 -5.80
CA GLY A 65 4.36 -9.92 -7.14
C GLY A 65 3.61 -11.10 -7.75
N CYS A 66 2.65 -11.70 -7.03
CA CYS A 66 2.03 -12.94 -7.51
C CYS A 66 1.02 -12.75 -8.62
N GLY A 67 0.55 -11.52 -8.84
CA GLY A 67 -0.38 -11.26 -9.92
C GLY A 67 -1.79 -10.94 -9.45
N LYS A 68 -1.92 -10.38 -8.23
CA LYS A 68 -3.23 -9.96 -7.76
C LYS A 68 -3.84 -8.91 -8.70
N THR A 69 -3.08 -7.84 -8.98
CA THR A 69 -3.60 -6.75 -9.81
C THR A 69 -3.92 -7.23 -11.22
N THR A 70 -3.03 -8.01 -11.83
CA THR A 70 -3.25 -8.51 -13.18
C THR A 70 -4.52 -9.37 -13.25
N ALA A 71 -4.79 -10.16 -12.20
CA ALA A 71 -5.98 -10.98 -12.18
C ALA A 71 -7.24 -10.11 -12.22
N LEU A 72 -7.24 -8.98 -11.52
CA LEU A 72 -8.43 -8.12 -11.59
C LEU A 72 -8.57 -7.51 -12.98
N VAL A 73 -7.45 -7.14 -13.62
CA VAL A 73 -7.52 -6.62 -14.99
C VAL A 73 -8.11 -7.67 -15.91
N ALA A 74 -7.67 -8.93 -15.75
CA ALA A 74 -8.16 -10.02 -16.58
C ALA A 74 -9.64 -10.29 -16.32
N ILE A 75 -10.07 -10.24 -15.05
CA ILE A 75 -11.47 -10.39 -14.72
C ILE A 75 -12.29 -9.27 -15.35
N GLY A 76 -11.82 -8.04 -15.25
CA GLY A 76 -12.50 -6.94 -15.93
C GLY A 76 -12.68 -7.21 -17.41
N GLU A 77 -11.62 -7.65 -18.08
CA GLU A 77 -11.69 -7.92 -19.50
C GLU A 77 -12.64 -9.09 -19.79
N ALA A 78 -12.63 -10.12 -18.94
CA ALA A 78 -13.57 -11.22 -19.10
C ALA A 78 -15.00 -10.75 -18.98
N VAL A 79 -15.27 -9.86 -18.01
CA VAL A 79 -16.62 -9.33 -17.87
C VAL A 79 -17.07 -8.65 -19.16
N MET A 80 -16.23 -7.76 -19.70
CA MET A 80 -16.61 -6.97 -20.87
C MET A 80 -16.84 -7.83 -22.09
N ASN A 81 -16.19 -8.99 -22.18
CA ASN A 81 -16.38 -9.87 -23.33
C ASN A 81 -17.60 -10.78 -23.20
N ARG A 82 -18.09 -11.00 -21.99
CA ARG A 82 -19.22 -11.89 -21.73
C ARG A 82 -20.55 -11.14 -21.67
N PHE A 83 -20.53 -9.88 -21.28
CA PHE A 83 -21.73 -9.09 -21.03
C PHE A 83 -21.68 -7.77 -21.79
N SER A 84 -22.84 -7.31 -22.20
CA SER A 84 -23.01 -5.96 -22.73
C SER A 84 -22.98 -4.96 -21.58
N PRO A 85 -22.86 -3.66 -21.87
CA PRO A 85 -22.88 -2.66 -20.79
C PRO A 85 -24.23 -2.53 -20.10
N GLN A 86 -25.33 -2.93 -20.75
CA GLN A 86 -26.63 -2.93 -20.10
C GLN A 86 -26.77 -4.09 -19.12
N GLN A 87 -26.01 -5.16 -19.32
CA GLN A 87 -26.02 -6.30 -18.43
C GLN A 87 -25.01 -6.16 -17.28
N ALA A 88 -23.88 -5.49 -17.51
CA ALA A 88 -22.81 -5.46 -16.50
C ALA A 88 -22.17 -4.08 -16.42
N GLN A 89 -21.91 -3.62 -15.20
CA GLN A 89 -21.17 -2.39 -14.97
C GLN A 89 -19.99 -2.69 -14.06
N LEU A 90 -18.92 -1.92 -14.23
CA LEU A 90 -17.67 -2.12 -13.51
C LEU A 90 -17.42 -0.96 -12.57
N THR A 91 -17.14 -1.27 -11.30
CA THR A 91 -16.72 -0.30 -10.30
C THR A 91 -15.31 -0.68 -9.88
N LEU A 92 -14.35 0.23 -10.08
CA LEU A 92 -12.93 -0.08 -9.95
C LEU A 92 -12.35 0.65 -8.74
N ILE A 93 -11.83 -0.12 -7.79
CA ILE A 93 -11.31 0.41 -6.53
C ILE A 93 -9.83 0.07 -6.46
N ASP A 94 -8.98 1.11 -6.39
CA ASP A 94 -7.54 0.99 -6.65
C ASP A 94 -6.75 1.91 -5.72
N PRO A 95 -6.75 1.65 -4.41
CA PRO A 95 -6.13 2.61 -3.47
C PRO A 95 -4.61 2.76 -3.62
N LYS A 96 -3.93 1.82 -4.25
CA LYS A 96 -2.49 1.93 -4.40
C LYS A 96 -2.08 2.51 -5.74
N THR A 97 -3.05 2.91 -6.57
CA THR A 97 -2.84 3.30 -7.96
C THR A 97 -1.77 2.40 -8.58
N ALA A 98 -2.10 1.11 -8.61
CA ALA A 98 -1.13 0.10 -8.99
C ALA A 98 -0.67 0.33 -10.43
N PRO A 99 0.64 0.25 -10.70
CA PRO A 99 1.09 0.38 -12.09
C PRO A 99 0.52 -0.73 -12.94
N HIS A 100 0.03 -0.35 -14.14
CA HIS A 100 -0.57 -1.27 -15.10
C HIS A 100 -1.78 -2.00 -14.53
N GLY A 101 -2.48 -1.37 -13.60
CA GLY A 101 -3.59 -2.04 -12.95
C GLY A 101 -4.94 -1.57 -13.46
N LEU A 102 -5.88 -1.45 -12.53
CA LEU A 102 -7.24 -1.04 -12.87
C LEU A 102 -7.27 0.35 -13.50
N ARG A 103 -6.31 1.22 -13.17
CA ARG A 103 -6.29 2.57 -13.72
C ARG A 103 -6.20 2.58 -15.25
N ASP A 104 -5.66 1.50 -15.85
CA ASP A 104 -5.49 1.40 -17.28
C ASP A 104 -6.58 0.58 -17.95
N LEU A 105 -7.55 0.09 -17.23
CA LEU A 105 -8.60 -0.69 -17.82
C LEU A 105 -9.53 0.28 -18.47
N HIS A 106 -9.59 0.30 -19.76
CA HIS A 106 -10.43 1.27 -20.41
C HIS A 106 -11.60 0.62 -21.03
N ALA A 107 -12.77 1.16 -20.71
CA ALA A 107 -14.06 0.78 -21.25
C ALA A 107 -15.19 1.76 -20.97
N PRO A 108 -15.41 2.76 -21.84
CA PRO A 108 -16.56 3.61 -21.56
C PRO A 108 -17.82 2.81 -21.81
N GLY A 109 -18.82 3.08 -21.03
CA GLY A 109 -20.01 2.30 -21.14
C GLY A 109 -19.99 1.28 -20.05
N TYR A 110 -18.87 0.61 -19.85
CA TYR A 110 -18.73 -0.39 -18.80
C TYR A 110 -18.31 0.21 -17.45
N VAL A 111 -17.38 1.16 -17.41
CA VAL A 111 -16.87 1.65 -16.12
C VAL A 111 -17.82 2.70 -15.56
N ARG A 112 -18.53 2.36 -14.50
CA ARG A 112 -19.34 3.40 -13.89
C ARG A 112 -18.59 4.20 -12.84
N ALA A 113 -17.49 3.69 -12.28
CA ALA A 113 -16.68 4.49 -11.38
C ALA A 113 -15.30 3.87 -11.18
N TYR A 114 -14.29 4.73 -11.11
CA TYR A 114 -12.92 4.35 -10.75
C TYR A 114 -12.47 5.33 -9.69
N ALA A 115 -11.87 4.83 -8.60
CA ALA A 115 -11.39 5.71 -7.55
C ALA A 115 -10.16 5.12 -6.88
N TYR A 116 -9.30 6.01 -6.38
CA TYR A 116 -8.12 5.60 -5.64
C TYR A 116 -7.99 6.33 -4.31
N ASP A 117 -8.55 7.53 -4.25
CA ASP A 117 -8.51 8.32 -3.04
C ASP A 117 -9.46 7.73 -2.01
N GLN A 118 -9.03 7.67 -0.75
CA GLN A 118 -9.73 6.84 0.23
C GLN A 118 -11.16 7.36 0.46
N ASP A 119 -11.32 8.68 0.63
CA ASP A 119 -12.66 9.23 0.81
C ASP A 119 -13.52 9.05 -0.44
N GLU A 120 -12.92 9.20 -1.61
CA GLU A 120 -13.60 9.01 -2.87
C GLU A 120 -14.08 7.57 -3.01
N ILE A 121 -13.21 6.62 -2.70
CA ILE A 121 -13.59 5.21 -2.66
C ILE A 121 -14.77 5.00 -1.73
N ASP A 122 -14.69 5.57 -0.52
CA ASP A 122 -15.77 5.43 0.45
C ASP A 122 -17.07 5.96 -0.12
N GLU A 123 -17.00 7.14 -0.74
CA GLU A 123 -18.17 7.70 -1.42
C GLU A 123 -18.72 6.76 -2.48
N VAL A 124 -17.84 6.29 -3.38
CA VAL A 124 -18.27 5.46 -4.51
C VAL A 124 -18.92 4.17 -4.00
N ILE A 125 -18.30 3.51 -3.02
CA ILE A 125 -18.88 2.25 -2.55
C ILE A 125 -20.20 2.51 -1.83
N THR A 126 -20.27 3.56 -1.01
CA THR A 126 -21.48 3.84 -0.26
C THR A 126 -22.63 4.20 -1.19
N GLU A 127 -22.36 5.03 -2.20
CA GLU A 127 -23.37 5.38 -3.20
C GLU A 127 -23.92 4.12 -3.89
N LEU A 128 -23.02 3.25 -4.35
CA LEU A 128 -23.45 2.02 -5.02
C LEU A 128 -24.29 1.16 -4.09
N ALA A 129 -23.82 1.00 -2.84
CA ALA A 129 -24.49 0.11 -1.90
C ALA A 129 -25.86 0.66 -1.51
N GLN A 130 -25.94 1.95 -1.19
CA GLN A 130 -27.16 2.51 -0.64
C GLN A 130 -28.13 2.98 -1.73
N GLN A 131 -27.63 3.54 -2.85
CA GLN A 131 -28.54 4.03 -3.89
C GLN A 131 -29.00 2.92 -4.84
N ILE A 132 -28.18 1.89 -5.07
CA ILE A 132 -28.41 0.94 -6.13
C ILE A 132 -28.68 -0.47 -5.61
N LEU A 133 -27.91 -0.94 -4.63
CA LEU A 133 -27.98 -2.35 -4.25
C LEU A 133 -29.00 -2.59 -3.15
N LEU A 134 -28.96 -1.82 -2.07
CA LEU A 134 -29.98 -1.94 -1.04
C LEU A 134 -31.41 -1.97 -1.58
N PRO A 135 -31.79 -1.10 -2.55
CA PRO A 135 -33.14 -1.22 -3.12
C PRO A 135 -33.46 -2.60 -3.67
N ARG A 136 -32.45 -3.32 -4.19
CA ARG A 136 -32.70 -4.64 -4.77
C ARG A 136 -33.05 -5.70 -3.72
N LEU A 137 -32.78 -5.44 -2.45
CA LEU A 137 -33.12 -6.40 -1.40
C LEU A 137 -34.62 -6.38 -1.18
N PRO A 138 -35.22 -7.52 -0.86
CA PRO A 138 -36.65 -7.54 -0.56
C PRO A 138 -36.92 -6.73 0.70
N PRO A 139 -37.99 -5.94 0.72
CA PRO A 139 -38.32 -5.19 1.93
C PRO A 139 -38.57 -6.10 3.13
N LYS A 140 -38.36 -5.54 4.31
CA LYS A 140 -38.56 -6.26 5.55
C LYS A 140 -40.05 -6.27 5.91
N GLY A 141 -40.45 -7.25 6.71
CA GLY A 141 -41.84 -7.31 7.13
C GLY A 141 -42.78 -7.80 6.05
N LEU A 142 -42.33 -8.69 5.19
CA LEU A 142 -43.18 -9.30 4.17
C LEU A 142 -43.37 -10.76 4.51
N SER A 143 -44.58 -11.26 4.27
CA SER A 143 -44.83 -12.69 4.32
C SER A 143 -43.94 -13.40 3.30
N GLN A 144 -43.58 -14.64 3.61
CA GLN A 144 -42.89 -15.48 2.63
C GLN A 144 -43.71 -15.60 1.34
N GLU A 145 -45.03 -15.70 1.48
CA GLU A 145 -45.92 -15.69 0.32
C GLU A 145 -45.69 -14.43 -0.51
N GLU A 146 -45.69 -13.27 0.14
CA GLU A 146 -45.43 -12.02 -0.58
C GLU A 146 -44.02 -12.00 -1.18
N LEU A 147 -43.04 -12.53 -0.45
CA LEU A 147 -41.67 -12.54 -0.96
C LEU A 147 -41.56 -13.36 -2.24
N ARG A 148 -42.23 -14.51 -2.29
CA ARG A 148 -42.14 -15.39 -3.45
C ARG A 148 -42.67 -14.74 -4.70
N ALA A 149 -43.63 -13.83 -4.59
CA ALA A 149 -44.28 -13.20 -5.73
C ALA A 149 -43.73 -11.80 -6.04
N LEU A 150 -42.69 -11.35 -5.32
CA LEU A 150 -42.11 -10.04 -5.60
C LEU A 150 -41.50 -9.99 -7.00
N LYS A 151 -41.56 -8.81 -7.62
CA LYS A 151 -40.89 -8.62 -8.91
C LYS A 151 -39.37 -8.65 -8.72
N PRO A 152 -38.64 -9.32 -9.60
CA PRO A 152 -37.18 -9.30 -9.52
C PRO A 152 -36.64 -7.92 -9.87
N TRP A 153 -35.47 -7.59 -9.33
CA TRP A 153 -34.86 -6.29 -9.64
C TRP A 153 -34.41 -6.26 -11.10
N GLU A 154 -34.23 -5.04 -11.61
CA GLU A 154 -33.85 -4.82 -13.00
C GLU A 154 -32.65 -3.90 -13.06
N GLY A 155 -31.89 -4.04 -14.16
CA GLY A 155 -30.70 -3.28 -14.35
C GLY A 155 -29.52 -4.21 -14.50
N PRO A 156 -28.32 -3.65 -14.55
CA PRO A 156 -27.13 -4.46 -14.76
C PRO A 156 -26.67 -5.13 -13.47
N ARG A 157 -25.90 -6.21 -13.65
CA ARG A 157 -25.08 -6.76 -12.58
C ARG A 157 -23.88 -5.84 -12.32
N HIS A 158 -23.50 -5.70 -11.06
CA HIS A 158 -22.46 -4.76 -10.69
C HIS A 158 -21.23 -5.55 -10.22
N PHE A 159 -20.17 -5.47 -11.03
CA PHE A 159 -18.90 -6.14 -10.77
C PHE A 159 -17.98 -5.12 -10.12
N VAL A 160 -17.66 -5.33 -8.86
CA VAL A 160 -16.83 -4.42 -8.08
C VAL A 160 -15.45 -5.05 -7.95
N LEU A 161 -14.44 -4.42 -8.57
CA LEU A 161 -13.07 -4.92 -8.58
C LEU A 161 -12.27 -4.13 -7.56
N ILE A 162 -11.86 -4.79 -6.47
CA ILE A 162 -11.22 -4.13 -5.33
C ILE A 162 -9.81 -4.67 -5.21
N ASP A 163 -8.83 -3.88 -5.64
CA ASP A 163 -7.41 -4.20 -5.49
C ASP A 163 -6.90 -3.75 -4.12
N ASP A 164 -6.14 -4.61 -3.44
CA ASP A 164 -5.34 -4.24 -2.26
C ASP A 164 -6.23 -3.78 -1.10
N VAL A 165 -7.16 -4.65 -0.70
CA VAL A 165 -8.04 -4.33 0.43
C VAL A 165 -7.24 -4.05 1.70
N GLN A 166 -6.02 -4.59 1.82
CA GLN A 166 -5.18 -4.28 2.98
C GLN A 166 -4.77 -2.81 3.02
N ASP A 167 -4.94 -2.07 1.92
CA ASP A 167 -4.61 -0.66 1.93
C ASP A 167 -5.83 0.25 2.12
N LEU A 168 -7.00 -0.32 2.34
CA LEU A 168 -8.19 0.47 2.61
C LEU A 168 -8.13 0.99 4.05
N ARG A 169 -8.44 2.27 4.22
CA ARG A 169 -8.32 2.89 5.53
C ARG A 169 -9.28 2.25 6.52
N PRO A 170 -8.82 1.86 7.71
CA PRO A 170 -9.70 1.22 8.69
C PRO A 170 -10.50 2.23 9.50
N ALA A 171 -11.44 1.69 10.29
CA ALA A 171 -12.20 2.53 11.21
C ALA A 171 -11.26 3.23 12.19
N GLN A 172 -11.64 4.45 12.60
CA GLN A 172 -10.84 5.19 13.58
C GLN A 172 -11.76 6.06 14.42
N SER A 173 -11.17 6.68 15.44
CA SER A 173 -11.84 7.66 16.30
C SER A 173 -11.00 8.92 16.39
N TYR A 174 -11.60 9.96 16.90
CA TYR A 174 -10.94 11.21 17.05
C TYR A 174 -10.24 11.59 15.79
N PRO A 175 -10.96 11.91 14.75
CA PRO A 175 -12.36 11.92 14.40
C PRO A 175 -12.84 10.55 14.01
N GLN A 176 -14.10 10.28 14.23
CA GLN A 176 -14.68 9.02 13.92
C GLN A 176 -14.86 8.82 12.46
N LYS A 177 -14.43 7.69 11.97
CA LYS A 177 -14.65 7.38 10.57
C LYS A 177 -14.93 5.88 10.48
N PRO A 178 -15.90 5.48 9.66
CA PRO A 178 -16.12 4.05 9.46
C PRO A 178 -15.03 3.47 8.58
N PRO A 179 -14.85 2.15 8.55
CA PRO A 179 -13.88 1.58 7.60
C PRO A 179 -14.32 1.91 6.18
N VAL A 180 -13.36 2.25 5.34
CA VAL A 180 -13.66 2.61 3.96
C VAL A 180 -14.35 1.43 3.26
N GLY A 181 -15.51 1.70 2.67
CA GLY A 181 -16.24 0.69 1.91
C GLY A 181 -17.06 -0.27 2.74
N ALA A 182 -17.14 -0.07 4.06
CA ALA A 182 -17.86 -0.99 4.95
C ALA A 182 -19.31 -1.18 4.57
N ALA A 183 -19.91 -0.21 3.88
CA ALA A 183 -21.31 -0.32 3.42
C ALA A 183 -21.55 -1.55 2.55
N LEU A 184 -20.52 -2.10 1.91
CA LEU A 184 -20.68 -3.20 0.97
C LEU A 184 -20.70 -4.58 1.64
N TRP A 185 -20.31 -4.70 2.92
CA TRP A 185 -19.99 -6.01 3.48
C TRP A 185 -21.23 -6.87 3.62
N LYS A 186 -22.32 -6.29 4.15
CA LYS A 186 -23.54 -7.07 4.33
C LYS A 186 -24.19 -7.44 3.00
N LEU A 187 -24.09 -6.55 2.01
CA LEU A 187 -24.57 -6.88 0.68
C LEU A 187 -23.71 -7.91 -0.02
N MET A 188 -22.43 -8.05 0.38
CA MET A 188 -21.59 -9.10 -0.18
C MET A 188 -22.04 -10.47 0.29
N GLU A 189 -22.48 -10.57 1.55
CA GLU A 189 -23.02 -11.83 2.06
C GLU A 189 -24.28 -12.22 1.30
N ARG A 190 -25.11 -11.22 0.97
CA ARG A 190 -26.38 -11.41 0.28
C ARG A 190 -26.26 -11.13 -1.21
N ALA A 191 -25.04 -11.22 -1.76
CA ALA A 191 -24.78 -10.74 -3.11
C ALA A 191 -25.60 -11.49 -4.16
N ARG A 192 -25.94 -12.76 -3.88
CA ARG A 192 -26.72 -13.55 -4.84
C ARG A 192 -28.12 -12.99 -5.04
N GLN A 193 -28.60 -12.14 -4.14
CA GLN A 193 -29.94 -11.59 -4.28
C GLN A 193 -29.98 -10.26 -5.03
N VAL A 194 -28.84 -9.58 -5.18
CA VAL A 194 -28.84 -8.22 -5.71
C VAL A 194 -27.92 -8.07 -6.91
N GLY A 195 -27.41 -9.18 -7.43
CA GLY A 195 -26.52 -9.12 -8.57
C GLY A 195 -25.24 -8.35 -8.32
N LEU A 196 -24.63 -8.55 -7.15
CA LEU A 196 -23.34 -7.95 -6.81
C LEU A 196 -22.23 -8.99 -6.96
N HIS A 197 -21.14 -8.60 -7.61
CA HIS A 197 -20.03 -9.52 -7.91
C HIS A 197 -18.72 -8.86 -7.51
N VAL A 198 -18.22 -9.20 -6.33
CA VAL A 198 -17.03 -8.56 -5.76
C VAL A 198 -15.84 -9.49 -5.95
N PHE A 199 -14.85 -9.03 -6.71
CA PHE A 199 -13.56 -9.69 -6.83
C PHE A 199 -12.55 -8.80 -6.11
N SER A 200 -12.06 -9.25 -4.97
CA SER A 200 -11.17 -8.48 -4.12
C SER A 200 -9.86 -9.21 -3.96
N THR A 201 -8.76 -8.47 -3.95
CA THR A 201 -7.44 -9.05 -3.73
C THR A 201 -6.89 -8.57 -2.39
N ARG A 202 -6.03 -9.40 -1.80
CA ARG A 202 -5.39 -9.03 -0.55
C ARG A 202 -3.99 -9.63 -0.48
N ASN A 203 -3.02 -8.81 -0.09
CA ASN A 203 -1.69 -9.32 0.21
C ASN A 203 -1.79 -10.31 1.38
N SER A 204 -1.12 -11.44 1.26
CA SER A 204 -1.31 -12.48 2.26
C SER A 204 0.01 -12.95 2.84
N ALA A 205 1.02 -12.07 2.89
CA ALA A 205 2.25 -12.41 3.59
C ALA A 205 1.98 -12.66 5.07
N ASN A 206 1.15 -11.82 5.69
CA ASN A 206 0.75 -12.02 7.08
C ASN A 206 -0.45 -12.96 7.09
N TRP A 207 -0.15 -14.26 7.01
CA TRP A 207 -1.19 -15.28 6.98
C TRP A 207 -2.07 -15.25 8.22
N ALA A 208 -1.58 -14.73 9.35
CA ALA A 208 -2.26 -14.88 10.64
C ALA A 208 -3.31 -13.79 10.87
N THR A 209 -3.06 -12.57 10.39
CA THR A 209 -4.13 -11.57 10.42
C THR A 209 -5.12 -11.74 9.27
N MET A 210 -4.66 -12.28 8.13
CA MET A 210 -5.50 -12.38 6.93
C MET A 210 -6.92 -12.85 7.20
N PRO A 211 -7.18 -13.86 8.04
CA PRO A 211 -8.58 -14.19 8.36
C PRO A 211 -9.31 -13.13 9.13
N MET A 212 -8.62 -12.24 9.84
CA MET A 212 -9.32 -11.22 10.60
C MET A 212 -9.73 -10.05 9.72
N ASP A 213 -9.29 -10.00 8.47
CA ASP A 213 -9.60 -8.90 7.57
C ASP A 213 -11.09 -8.95 7.24
N PRO A 214 -11.85 -7.86 7.47
CA PRO A 214 -13.32 -7.94 7.29
C PRO A 214 -13.76 -8.20 5.86
N TRP A 215 -12.93 -7.83 4.88
CA TRP A 215 -13.20 -8.18 3.49
C TRP A 215 -13.12 -9.69 3.29
N VAL A 216 -12.10 -10.32 3.88
CA VAL A 216 -11.99 -11.78 3.87
C VAL A 216 -13.15 -12.42 4.61
N LYS A 217 -13.54 -11.85 5.77
CA LYS A 217 -14.68 -12.38 6.52
C LYS A 217 -15.96 -12.34 5.69
N SER A 218 -16.22 -11.22 5.03
CA SER A 218 -17.46 -11.12 4.24
C SER A 218 -17.47 -12.13 3.10
N GLN A 219 -16.36 -12.22 2.37
CA GLN A 219 -16.28 -13.16 1.26
C GLN A 219 -16.39 -14.61 1.73
N THR A 220 -15.73 -14.94 2.84
CA THR A 220 -15.89 -16.28 3.39
C THR A 220 -17.33 -16.52 3.83
N SER A 221 -17.91 -15.55 4.53
CA SER A 221 -19.30 -15.64 4.92
C SER A 221 -20.23 -15.72 3.70
N ALA A 222 -19.90 -14.97 2.63
CA ALA A 222 -20.65 -15.10 1.39
C ALA A 222 -20.45 -16.46 0.74
N LYS A 223 -19.47 -17.24 1.17
CA LYS A 223 -19.14 -18.54 0.60
C LYS A 223 -18.76 -18.42 -0.87
N VAL A 224 -17.97 -17.41 -1.22
CA VAL A 224 -17.40 -17.38 -2.55
C VAL A 224 -16.16 -18.27 -2.58
N ALA A 225 -15.77 -18.68 -3.79
CA ALA A 225 -14.48 -19.32 -3.93
C ALA A 225 -13.36 -18.33 -3.61
N GLN A 226 -12.20 -18.87 -3.23
CA GLN A 226 -11.03 -18.07 -2.89
C GLN A 226 -9.86 -18.60 -3.70
N LEU A 227 -9.08 -17.68 -4.28
CA LEU A 227 -7.92 -18.03 -5.09
C LEU A 227 -6.66 -17.76 -4.26
N TYR A 228 -5.92 -18.82 -3.93
CA TYR A 228 -4.69 -18.70 -3.15
C TYR A 228 -3.53 -18.74 -4.14
N MET A 229 -2.96 -17.57 -4.46
CA MET A 229 -1.79 -17.49 -5.33
C MET A 229 -0.55 -17.75 -4.49
N ASP A 230 0.64 -17.34 -4.97
CA ASP A 230 1.90 -17.64 -4.28
C ASP A 230 1.81 -17.36 -2.78
N ASN A 231 2.19 -18.36 -1.98
CA ASN A 231 2.06 -18.30 -0.53
C ASN A 231 3.10 -19.23 0.10
N ASP A 232 3.31 -19.07 1.40
CA ASP A 232 4.25 -19.92 2.13
C ASP A 232 3.67 -21.33 2.26
N PRO A 233 4.36 -22.36 1.76
CA PRO A 233 3.80 -23.73 1.81
C PRO A 233 3.65 -24.28 3.22
N GLN A 234 4.18 -23.60 4.23
CA GLN A 234 3.90 -24.00 5.61
C GLN A 234 2.49 -23.64 6.05
N ASN A 235 1.82 -22.74 5.33
CA ASN A 235 0.48 -22.32 5.71
C ASN A 235 -0.56 -23.28 5.14
N ARG A 236 -1.63 -23.50 5.90
CA ARG A 236 -2.66 -24.46 5.53
C ARG A 236 -3.94 -23.73 5.16
N ILE A 237 -4.44 -24.00 3.96
CA ILE A 237 -5.74 -23.48 3.54
C ILE A 237 -6.85 -24.15 4.33
N ASN A 238 -6.80 -25.49 4.43
CA ASN A 238 -7.67 -26.22 5.34
C ASN A 238 -6.92 -27.48 5.77
N ARG A 239 -7.61 -28.34 6.52
CA ARG A 239 -7.01 -29.57 7.04
C ARG A 239 -6.34 -30.39 5.94
N SER A 240 -6.88 -30.34 4.72
CA SER A 240 -6.44 -31.19 3.63
C SER A 240 -5.57 -30.49 2.61
N VAL A 241 -5.58 -29.16 2.56
CA VAL A 241 -4.94 -28.39 1.50
C VAL A 241 -3.95 -27.41 2.12
N ARG A 242 -2.69 -27.49 1.71
CA ARG A 242 -1.70 -26.50 2.12
C ARG A 242 -1.50 -25.48 1.01
N ALA A 243 -1.14 -24.26 1.40
CA ALA A 243 -0.76 -23.27 0.40
C ALA A 243 0.48 -23.74 -0.36
N GLN A 244 0.67 -23.17 -1.55
CA GLN A 244 1.78 -23.51 -2.43
C GLN A 244 2.55 -22.27 -2.83
N THR A 245 3.87 -22.40 -2.95
CA THR A 245 4.70 -21.39 -3.58
C THR A 245 4.57 -21.54 -5.09
N LEU A 246 4.33 -20.43 -5.79
CA LEU A 246 3.89 -20.48 -7.18
C LEU A 246 4.41 -19.28 -7.92
N PRO A 247 4.67 -19.41 -9.22
CA PRO A 247 5.08 -18.26 -10.03
C PRO A 247 3.90 -17.34 -10.30
N PRO A 248 4.13 -16.18 -10.91
CA PRO A 248 3.03 -15.23 -11.10
C PRO A 248 1.92 -15.80 -11.97
N GLY A 249 0.68 -15.42 -11.63
CA GLY A 249 -0.49 -15.82 -12.39
C GLY A 249 -1.08 -17.15 -12.02
N ARG A 250 -0.41 -17.92 -11.15
CA ARG A 250 -0.87 -19.24 -10.74
C ARG A 250 -1.52 -19.17 -9.36
N GLY A 251 -2.54 -20.00 -9.15
CA GLY A 251 -3.17 -20.09 -7.84
C GLY A 251 -3.97 -21.36 -7.67
N LEU A 252 -4.35 -21.60 -6.40
CA LEU A 252 -5.22 -22.70 -6.00
C LEU A 252 -6.63 -22.15 -5.85
N LEU A 253 -7.50 -22.44 -6.80
CA LEU A 253 -8.90 -22.08 -6.69
C LEU A 253 -9.59 -23.07 -5.75
N VAL A 254 -10.15 -22.56 -4.65
CA VAL A 254 -10.73 -23.39 -3.59
C VAL A 254 -12.19 -22.98 -3.43
N GLY A 255 -13.11 -23.89 -3.80
CA GLY A 255 -14.53 -23.63 -3.61
C GLY A 255 -14.93 -23.69 -2.15
N ALA A 256 -16.10 -23.09 -1.86
CA ALA A 256 -16.69 -23.22 -0.53
C ALA A 256 -16.97 -24.67 -0.18
N ASP A 257 -17.23 -25.50 -1.20
CA ASP A 257 -17.43 -26.94 -1.00
C ASP A 257 -16.15 -27.69 -0.71
N GLY A 258 -14.98 -27.05 -0.80
CA GLY A 258 -13.71 -27.72 -0.61
C GLY A 258 -13.05 -28.21 -1.89
N ASP A 259 -13.72 -28.09 -3.03
CA ASP A 259 -13.08 -28.46 -4.30
C ASP A 259 -11.88 -27.55 -4.58
N VAL A 260 -10.83 -28.12 -5.17
CA VAL A 260 -9.55 -27.43 -5.35
C VAL A 260 -9.04 -27.63 -6.77
N GLU A 261 -8.60 -26.55 -7.41
CA GLU A 261 -8.01 -26.64 -8.75
C GLU A 261 -6.81 -25.71 -8.86
N GLY A 262 -5.71 -26.23 -9.41
CA GLY A 262 -4.63 -25.37 -9.85
C GLY A 262 -5.01 -24.68 -11.15
N ILE A 263 -4.92 -23.35 -11.18
CA ILE A 263 -5.29 -22.56 -12.35
C ILE A 263 -4.17 -21.60 -12.72
N LEU A 264 -4.26 -21.06 -13.94
CA LEU A 264 -3.34 -20.06 -14.47
C LEU A 264 -4.15 -18.92 -15.05
N VAL A 265 -4.03 -17.72 -14.45
CA VAL A 265 -4.75 -16.55 -14.92
C VAL A 265 -4.23 -16.16 -16.30
N GLY A 266 -5.14 -15.83 -17.21
CA GLY A 266 -4.74 -15.45 -18.55
C GLY A 266 -4.21 -14.03 -18.58
N TYR A 267 -3.18 -13.83 -19.40
CA TYR A 267 -2.54 -12.52 -19.44
C TYR A 267 -3.41 -11.52 -20.20
N PRO A 268 -3.78 -10.40 -19.59
CA PRO A 268 -4.73 -9.49 -20.24
C PRO A 268 -4.12 -8.78 -21.43
N SER A 269 -5.03 -8.20 -22.23
CA SER A 269 -4.71 -7.32 -23.33
C SER A 269 -4.54 -5.89 -22.83
N LEU B 8 4.81 29.91 23.67
CA LEU B 8 4.26 28.97 22.71
C LEU B 8 3.24 29.63 21.77
N GLN B 9 3.60 29.68 20.50
CA GLN B 9 2.81 30.32 19.45
C GLN B 9 1.82 29.32 18.85
N ARG B 10 0.94 29.82 17.97
CA ARG B 10 -0.12 29.00 17.38
C ARG B 10 0.06 28.91 15.87
N LEU B 11 -0.07 27.69 15.33
CA LEU B 11 0.23 27.34 13.95
C LEU B 11 -0.96 27.61 13.04
N PRO B 12 -0.71 28.08 11.82
CA PRO B 12 -1.78 28.27 10.83
C PRO B 12 -2.14 26.93 10.17
N GLN B 13 -3.17 26.98 9.32
CA GLN B 13 -3.58 25.80 8.59
C GLN B 13 -2.56 25.40 7.52
N ARG B 14 -1.74 26.35 7.08
CA ARG B 14 -0.84 26.12 5.96
C ARG B 14 0.21 27.23 5.97
N VAL B 15 1.45 26.85 5.64
CA VAL B 15 2.53 27.79 5.34
C VAL B 15 3.24 27.25 4.11
N GLU B 16 3.64 28.15 3.21
CA GLU B 16 4.33 27.72 2.00
C GLU B 16 5.78 27.38 2.33
N LEU B 17 6.29 26.33 1.67
CA LEU B 17 7.65 25.88 1.94
C LEU B 17 8.68 26.93 1.52
N SER B 18 8.39 27.65 0.44
CA SER B 18 9.33 28.66 -0.06
C SER B 18 9.53 29.79 0.94
N ALA B 19 8.52 30.10 1.75
CA ALA B 19 8.71 31.09 2.81
C ALA B 19 9.70 30.58 3.86
N ILE B 20 9.64 29.29 4.19
CA ILE B 20 10.56 28.71 5.16
C ILE B 20 11.99 28.78 4.65
N VAL B 21 12.19 28.42 3.38
CA VAL B 21 13.54 28.28 2.83
C VAL B 21 14.24 29.63 2.68
N GLU B 22 13.51 30.66 2.25
CA GLU B 22 14.18 31.94 2.05
C GLU B 22 14.46 32.67 3.36
N HIS B 23 13.85 32.23 4.46
CA HIS B 23 14.27 32.69 5.78
C HIS B 23 15.56 32.00 6.21
N GLU B 24 15.71 30.70 5.90
CA GLU B 24 16.92 29.99 6.28
C GLU B 24 18.13 30.44 5.46
N ALA B 25 17.90 30.85 4.20
CA ALA B 25 18.98 31.38 3.38
C ALA B 25 19.67 32.55 4.06
N VAL B 26 18.87 33.50 4.56
CA VAL B 26 19.38 34.69 5.24
C VAL B 26 20.05 34.34 6.58
N ASP B 31 28.35 26.42 9.54
CA ASP B 31 28.57 25.15 10.23
C ASP B 31 27.30 24.66 10.92
N ASP B 32 26.17 25.19 10.44
CA ASP B 32 24.89 24.79 11.00
C ASP B 32 24.58 23.30 10.74
N LEU B 33 24.97 22.78 9.57
CA LEU B 33 24.51 21.51 9.01
C LEU B 33 23.06 21.17 9.36
N SER B 34 22.11 21.94 8.84
CA SER B 34 20.71 21.71 9.15
C SER B 34 19.85 21.99 7.91
N ILE B 35 18.68 21.35 7.87
CA ILE B 35 17.64 21.68 6.91
C ILE B 35 16.38 22.03 7.69
N ALA B 36 15.52 22.86 7.10
CA ALA B 36 14.24 23.20 7.69
C ALA B 36 13.14 23.04 6.64
N PHE B 37 12.09 22.30 6.99
CA PHE B 37 10.96 22.09 6.11
C PHE B 37 9.63 22.35 6.82
N ALA B 38 9.69 22.93 8.02
CA ALA B 38 8.51 23.17 8.85
C ALA B 38 8.76 24.41 9.70
N ILE B 39 7.66 24.99 10.18
CA ILE B 39 7.68 26.03 11.22
C ILE B 39 7.24 25.42 12.54
N GLY B 40 7.55 26.11 13.64
CA GLY B 40 7.41 25.52 14.96
C GLY B 40 6.78 26.45 15.97
N GLU B 41 6.07 25.83 16.92
CA GLU B 41 5.44 26.56 18.03
C GLU B 41 6.47 27.23 18.93
N ARG B 42 7.60 26.57 19.18
CA ARG B 42 8.63 27.07 20.07
C ARG B 42 9.75 27.80 19.33
N HIS B 43 9.53 28.11 18.06
CA HIS B 43 10.46 28.89 17.26
C HIS B 43 9.76 30.11 16.68
N GLU B 44 8.79 30.65 17.43
CA GLU B 44 8.08 31.86 17.05
C GLU B 44 7.44 31.73 15.67
N LEU B 45 6.98 30.52 15.34
CA LEU B 45 6.37 30.21 14.05
C LEU B 45 7.34 30.36 12.89
N GLY B 46 8.64 30.32 13.17
CA GLY B 46 9.64 30.32 12.12
C GLY B 46 10.20 28.93 11.89
N PRO B 47 11.24 28.82 11.06
CA PRO B 47 11.76 27.50 10.67
C PRO B 47 12.22 26.64 11.84
N VAL B 48 11.94 25.35 11.76
CA VAL B 48 12.47 24.39 12.73
C VAL B 48 13.65 23.65 12.13
N PRO B 49 14.89 23.98 12.52
CA PRO B 49 16.03 23.28 11.95
C PRO B 49 16.13 21.84 12.48
N ILE B 50 16.33 20.91 11.56
CA ILE B 50 16.77 19.57 11.91
C ILE B 50 18.29 19.59 11.86
N LYS B 51 18.94 19.51 13.01
CA LYS B 51 20.40 19.55 13.05
C LYS B 51 20.93 18.14 12.77
N LEU B 52 21.52 17.97 11.59
CA LEU B 52 21.78 16.65 11.05
C LEU B 52 22.95 15.95 11.71
N ARG B 53 23.80 16.68 12.45
CA ARG B 53 24.84 16.03 13.23
C ARG B 53 24.24 15.32 14.45
N GLU B 54 23.12 15.84 14.96
CA GLU B 54 22.45 15.29 16.12
C GLU B 54 21.38 14.26 15.74
N SER B 55 20.47 14.62 14.84
CA SER B 55 19.46 13.72 14.30
C SER B 55 19.68 13.66 12.80
N PRO B 56 20.45 12.68 12.31
CA PRO B 56 20.77 12.65 10.87
C PRO B 56 19.56 12.35 9.99
N GLY B 57 18.49 11.74 10.54
CA GLY B 57 17.29 11.54 9.76
C GLY B 57 16.04 11.81 10.58
N LEU B 58 14.91 11.25 10.13
CA LEU B 58 13.63 11.35 10.80
C LEU B 58 12.83 10.10 10.50
N MET B 59 12.11 9.62 11.51
CA MET B 59 11.02 8.68 11.31
C MET B 59 9.71 9.45 11.43
N ILE B 60 8.79 9.24 10.49
CA ILE B 60 7.55 10.01 10.40
C ILE B 60 6.38 9.04 10.50
N LEU B 61 5.48 9.29 11.46
CA LEU B 61 4.41 8.35 11.78
C LEU B 61 3.08 9.08 11.75
N GLY B 62 2.13 8.58 10.96
CA GLY B 62 0.84 9.23 10.85
C GLY B 62 -0.21 8.31 10.26
N ARG B 63 -1.46 8.65 10.57
CA ARG B 63 -2.59 7.92 10.01
C ARG B 63 -2.81 8.37 8.57
N GLN B 64 -3.80 7.77 7.92
CA GLN B 64 -3.99 8.01 6.49
C GLN B 64 -4.27 9.50 6.23
N GLY B 65 -3.65 10.02 5.17
CA GLY B 65 -3.87 11.40 4.74
C GLY B 65 -3.30 12.50 5.60
N CYS B 66 -2.39 12.21 6.55
CA CYS B 66 -1.85 13.24 7.43
C CYS B 66 -0.77 14.09 6.76
N GLY B 67 -0.24 13.67 5.62
CA GLY B 67 0.80 14.43 4.99
C GLY B 67 2.15 13.76 5.06
N LYS B 68 2.17 12.42 5.16
CA LYS B 68 3.45 11.72 5.15
C LYS B 68 4.21 11.98 3.86
N THR B 69 3.55 11.73 2.73
CA THR B 69 4.18 11.88 1.41
C THR B 69 4.59 13.32 1.15
N THR B 70 3.71 14.26 1.46
CA THR B 70 4.01 15.66 1.22
C THR B 70 5.22 16.10 2.04
N ALA B 71 5.34 15.58 3.28
CA ALA B 71 6.48 15.93 4.13
C ALA B 71 7.79 15.49 3.49
N LEU B 72 7.80 14.34 2.81
CA LEU B 72 9.04 13.91 2.17
C LEU B 72 9.38 14.80 0.98
N VAL B 73 8.38 15.22 0.22
CA VAL B 73 8.63 16.14 -0.89
C VAL B 73 9.21 17.44 -0.35
N ALA B 74 8.64 17.96 0.73
CA ALA B 74 9.16 19.19 1.34
C ALA B 74 10.61 19.03 1.79
N ILE B 75 10.93 17.89 2.40
CA ILE B 75 12.30 17.62 2.83
C ILE B 75 13.24 17.59 1.62
N GLY B 76 12.84 16.87 0.56
CA GLY B 76 13.64 16.86 -0.66
C GLY B 76 13.94 18.27 -1.17
N GLU B 77 12.89 19.09 -1.28
CA GLU B 77 13.05 20.48 -1.69
C GLU B 77 14.00 21.23 -0.76
N ALA B 78 13.82 21.07 0.55
CA ALA B 78 14.69 21.77 1.50
C ALA B 78 16.13 21.30 1.36
N VAL B 79 16.35 20.01 1.09
CA VAL B 79 17.71 19.52 0.85
C VAL B 79 18.34 20.25 -0.33
N MET B 80 17.60 20.32 -1.44
CA MET B 80 18.15 20.90 -2.67
C MET B 80 18.45 22.37 -2.51
N ASN B 81 17.74 23.06 -1.61
CA ASN B 81 18.00 24.48 -1.43
C ASN B 81 19.17 24.73 -0.49
N ARG B 82 19.39 23.86 0.48
CA ARG B 82 20.48 24.02 1.44
C ARG B 82 21.82 23.56 0.89
N PHE B 83 21.81 22.53 0.04
CA PHE B 83 23.01 21.90 -0.48
C PHE B 83 23.03 21.96 -1.99
N SER B 84 24.23 21.88 -2.55
CA SER B 84 24.53 21.72 -3.97
C SER B 84 24.54 20.24 -4.33
N PRO B 85 24.42 19.89 -5.62
CA PRO B 85 24.47 18.48 -6.00
C PRO B 85 25.78 17.81 -5.62
N GLN B 86 26.83 18.59 -5.37
CA GLN B 86 28.11 18.04 -4.94
C GLN B 86 28.09 17.70 -3.44
N GLN B 87 27.25 18.38 -2.65
CA GLN B 87 27.16 18.11 -1.22
C GLN B 87 26.10 17.07 -0.88
N ALA B 88 25.05 16.92 -1.70
CA ALA B 88 23.94 16.07 -1.33
C ALA B 88 23.38 15.36 -2.55
N GLN B 89 23.06 14.08 -2.38
CA GLN B 89 22.39 13.27 -3.41
C GLN B 89 21.13 12.66 -2.81
N LEU B 90 20.08 12.57 -3.64
CA LEU B 90 18.78 12.04 -3.22
C LEU B 90 18.57 10.64 -3.79
N THR B 91 18.16 9.73 -2.93
CA THR B 91 17.73 8.39 -3.32
C THR B 91 16.28 8.26 -2.88
N LEU B 92 15.38 8.04 -3.84
CA LEU B 92 13.95 8.16 -3.60
C LEU B 92 13.29 6.78 -3.72
N ILE B 93 12.64 6.35 -2.65
CA ILE B 93 12.04 5.02 -2.53
C ILE B 93 10.55 5.21 -2.33
N ASP B 94 9.75 4.68 -3.25
CA ASP B 94 8.35 5.10 -3.40
C ASP B 94 7.49 3.88 -3.78
N PRO B 95 7.43 2.86 -2.92
CA PRO B 95 6.77 1.60 -3.32
C PRO B 95 5.33 1.77 -3.77
N LYS B 96 4.60 2.75 -3.23
CA LYS B 96 3.20 2.91 -3.58
C LYS B 96 2.96 3.79 -4.80
N THR B 97 4.00 4.29 -5.46
CA THR B 97 3.88 5.29 -6.54
C THR B 97 2.81 6.30 -6.17
N ALA B 98 3.06 6.99 -5.09
CA ALA B 98 2.04 7.83 -4.47
C ALA B 98 1.74 9.03 -5.36
N PRO B 99 0.47 9.32 -5.60
CA PRO B 99 0.13 10.52 -6.40
C PRO B 99 0.70 11.77 -5.75
N HIS B 100 1.35 12.60 -6.57
CA HIS B 100 1.93 13.87 -6.13
C HIS B 100 2.99 13.65 -5.07
N GLY B 101 3.76 12.58 -5.24
CA GLY B 101 4.77 12.22 -4.26
C GLY B 101 6.18 12.40 -4.76
N LEU B 102 7.07 11.52 -4.29
CA LEU B 102 8.49 11.59 -4.65
C LEU B 102 8.70 11.52 -6.16
N ARG B 103 7.81 10.86 -6.90
CA ARG B 103 7.96 10.79 -8.36
C ARG B 103 7.92 12.16 -9.02
N ASP B 104 7.22 13.11 -8.40
CA ASP B 104 7.08 14.45 -8.95
C ASP B 104 8.17 15.41 -8.49
N LEU B 105 9.16 14.93 -7.73
CA LEU B 105 10.26 15.78 -7.27
C LEU B 105 11.12 16.16 -8.46
N HIS B 106 10.91 17.37 -8.96
CA HIS B 106 11.79 17.92 -9.98
C HIS B 106 13.13 18.28 -9.34
N ALA B 107 14.22 17.67 -9.82
CA ALA B 107 15.50 17.83 -9.17
C ALA B 107 16.67 17.54 -10.10
N PRO B 108 16.88 18.37 -11.14
CA PRO B 108 18.03 18.13 -12.03
C PRO B 108 19.34 18.02 -11.28
N GLY B 109 20.07 16.92 -11.48
CA GLY B 109 21.36 16.74 -10.87
C GLY B 109 21.37 16.23 -9.43
N TYR B 110 20.20 16.12 -8.79
CA TYR B 110 20.17 15.71 -7.40
C TYR B 110 19.77 14.24 -7.21
N VAL B 111 18.87 13.73 -8.03
CA VAL B 111 18.32 12.39 -7.82
C VAL B 111 19.26 11.36 -8.44
N ARG B 112 20.03 10.67 -7.61
CA ARG B 112 20.83 9.58 -8.16
C ARG B 112 20.04 8.28 -8.38
N ALA B 113 18.85 8.13 -7.79
CA ALA B 113 18.05 6.92 -8.01
C ALA B 113 16.64 7.13 -7.49
N TYR B 114 15.66 6.72 -8.30
CA TYR B 114 14.26 6.66 -7.93
C TYR B 114 13.77 5.27 -8.27
N ALA B 115 13.09 4.62 -7.32
CA ALA B 115 12.59 3.27 -7.53
C ALA B 115 11.24 3.12 -6.82
N TYR B 116 10.33 2.40 -7.47
CA TYR B 116 9.08 1.97 -6.85
C TYR B 116 8.89 0.46 -6.87
N ASP B 117 9.54 -0.25 -7.78
CA ASP B 117 9.37 -1.70 -7.89
C ASP B 117 10.15 -2.37 -6.77
N GLN B 118 9.53 -3.38 -6.12
CA GLN B 118 10.12 -3.91 -4.89
C GLN B 118 11.53 -4.41 -5.12
N ASP B 119 11.74 -5.25 -6.14
CA ASP B 119 13.08 -5.74 -6.40
C ASP B 119 14.02 -4.60 -6.81
N GLU B 120 13.52 -3.65 -7.60
CA GLU B 120 14.31 -2.48 -7.97
C GLU B 120 14.69 -1.67 -6.74
N ILE B 121 13.77 -1.55 -5.77
CA ILE B 121 14.07 -0.85 -4.53
C ILE B 121 15.18 -1.57 -3.76
N ASP B 122 15.09 -2.89 -3.69
CA ASP B 122 16.11 -3.70 -3.02
C ASP B 122 17.48 -3.52 -3.66
N GLU B 123 17.54 -3.53 -5.00
CA GLU B 123 18.81 -3.30 -5.69
C GLU B 123 19.37 -1.92 -5.38
N VAL B 124 18.52 -0.89 -5.44
CA VAL B 124 19.00 0.48 -5.26
C VAL B 124 19.52 0.69 -3.84
N ILE B 125 18.80 0.17 -2.84
CA ILE B 125 19.25 0.34 -1.46
C ILE B 125 20.51 -0.48 -1.20
N THR B 126 20.57 -1.70 -1.73
CA THR B 126 21.76 -2.53 -1.52
C THR B 126 22.97 -1.96 -2.24
N GLU B 127 22.76 -1.45 -3.46
CA GLU B 127 23.86 -0.86 -4.21
C GLU B 127 24.45 0.34 -3.47
N LEU B 128 23.59 1.19 -2.92
CA LEU B 128 24.03 2.35 -2.15
C LEU B 128 24.72 1.91 -0.86
N ALA B 129 24.18 0.92 -0.16
CA ALA B 129 24.82 0.45 1.06
C ALA B 129 26.19 -0.15 0.76
N GLN B 130 26.32 -0.90 -0.34
CA GLN B 130 27.55 -1.64 -0.52
C GLN B 130 28.59 -0.90 -1.37
N GLN B 131 28.17 -0.17 -2.40
CA GLN B 131 29.13 0.57 -3.22
C GLN B 131 29.59 1.86 -2.56
N ILE B 132 28.73 2.51 -1.78
CA ILE B 132 28.98 3.86 -1.31
C ILE B 132 29.16 3.92 0.21
N LEU B 133 28.21 3.39 0.97
CA LEU B 133 28.17 3.68 2.40
C LEU B 133 29.08 2.79 3.22
N LEU B 134 29.01 1.47 3.02
CA LEU B 134 29.90 0.53 3.70
C LEU B 134 31.37 0.95 3.66
N PRO B 135 31.94 1.40 2.54
CA PRO B 135 33.35 1.85 2.56
C PRO B 135 33.60 3.08 3.41
N ARG B 136 32.58 3.89 3.69
CA ARG B 136 32.81 5.06 4.53
C ARG B 136 33.01 4.70 5.99
N LEU B 137 32.70 3.47 6.38
CA LEU B 137 32.92 3.03 7.75
C LEU B 137 34.41 2.83 7.99
N PRO B 138 34.86 3.05 9.23
CA PRO B 138 36.27 2.78 9.55
C PRO B 138 36.57 1.30 9.46
N PRO B 139 37.74 0.92 8.96
CA PRO B 139 38.06 -0.51 8.85
C PRO B 139 38.09 -1.19 10.22
N LYS B 140 37.82 -2.49 10.21
CA LYS B 140 37.93 -3.29 11.42
C LYS B 140 39.39 -3.53 11.75
N GLY B 141 39.66 -3.75 13.04
CA GLY B 141 41.01 -4.07 13.46
C GLY B 141 41.91 -2.87 13.56
N LEU B 142 41.42 -1.77 14.11
CA LEU B 142 42.18 -0.54 14.21
C LEU B 142 42.12 -0.03 15.65
N SER B 143 43.28 0.31 16.19
CA SER B 143 43.32 1.01 17.47
C SER B 143 42.60 2.36 17.37
N GLN B 144 42.31 2.93 18.53
CA GLN B 144 41.65 4.23 18.56
C GLN B 144 42.63 5.36 18.22
N GLU B 145 43.93 5.17 18.53
CA GLU B 145 44.96 6.00 17.92
C GLU B 145 44.83 5.96 16.40
N GLU B 146 44.70 4.75 15.84
CA GLU B 146 44.57 4.59 14.40
C GLU B 146 43.23 5.13 13.89
N LEU B 147 42.16 4.99 14.69
CA LEU B 147 40.84 5.42 14.24
C LEU B 147 40.79 6.94 14.09
N ARG B 148 41.23 7.69 15.11
CA ARG B 148 41.16 9.15 15.05
C ARG B 148 42.07 9.73 13.99
N ALA B 149 43.11 9.01 13.58
CA ALA B 149 44.02 9.49 12.55
C ALA B 149 43.51 9.26 11.14
N LEU B 150 42.46 8.46 10.97
CA LEU B 150 41.94 8.11 9.66
C LEU B 150 41.53 9.34 8.85
N LYS B 151 41.81 9.30 7.57
CA LYS B 151 41.30 10.31 6.65
C LYS B 151 39.78 10.25 6.59
N PRO B 152 39.09 11.39 6.54
CA PRO B 152 37.63 11.37 6.46
C PRO B 152 37.15 10.92 5.08
N TRP B 153 35.94 10.38 5.05
CA TRP B 153 35.36 10.00 3.77
C TRP B 153 35.05 11.24 2.96
N GLU B 154 35.07 11.08 1.63
CA GLU B 154 34.76 12.18 0.73
C GLU B 154 33.56 11.81 -0.13
N GLY B 155 32.90 12.84 -0.64
CA GLY B 155 31.71 12.64 -1.43
C GLY B 155 30.55 13.41 -0.85
N PRO B 156 29.42 13.36 -1.53
CA PRO B 156 28.21 14.01 -1.02
C PRO B 156 27.59 13.20 0.12
N ARG B 157 26.78 13.89 0.94
CA ARG B 157 25.86 13.20 1.84
C ARG B 157 24.72 12.57 1.04
N HIS B 158 24.19 11.48 1.56
CA HIS B 158 23.14 10.75 0.86
C HIS B 158 21.85 10.82 1.67
N PHE B 159 20.90 11.58 1.16
CA PHE B 159 19.57 11.69 1.73
C PHE B 159 18.70 10.64 1.04
N VAL B 160 18.20 9.69 1.82
CA VAL B 160 17.34 8.62 1.34
C VAL B 160 15.93 8.91 1.85
N LEU B 161 15.01 9.20 0.94
CA LEU B 161 13.61 9.49 1.28
C LEU B 161 12.77 8.24 1.01
N ILE B 162 12.23 7.63 2.06
CA ILE B 162 11.52 6.35 1.95
C ILE B 162 10.07 6.57 2.38
N ASP B 163 9.16 6.59 1.41
CA ASP B 163 7.73 6.66 1.66
C ASP B 163 7.18 5.25 1.93
N ASP B 164 6.30 5.14 2.92
CA ASP B 164 5.46 3.95 3.11
C ASP B 164 6.28 2.67 3.35
N VAL B 165 7.15 2.71 4.37
CA VAL B 165 7.90 1.51 4.72
C VAL B 165 6.99 0.33 5.03
N GLN B 166 5.73 0.57 5.44
CA GLN B 166 4.80 -0.53 5.68
C GLN B 166 4.48 -1.32 4.41
N ASP B 167 4.74 -0.77 3.23
CA ASP B 167 4.50 -1.50 1.99
C ASP B 167 5.75 -2.18 1.42
N LEU B 168 6.90 -2.07 2.09
CA LEU B 168 8.09 -2.78 1.62
C LEU B 168 7.97 -4.27 1.92
N ARG B 169 8.34 -5.09 0.93
CA ARG B 169 8.10 -6.53 1.03
C ARG B 169 8.91 -7.13 2.17
N PRO B 170 8.29 -7.87 3.10
CA PRO B 170 9.04 -8.42 4.24
C PRO B 170 9.85 -9.64 3.80
N ALA B 171 10.68 -10.12 4.72
CA ALA B 171 11.38 -11.37 4.52
C ALA B 171 10.37 -12.51 4.37
N GLN B 172 10.75 -13.52 3.58
CA GLN B 172 9.90 -14.68 3.37
C GLN B 172 10.77 -15.93 3.19
N SER B 173 10.12 -17.10 3.26
CA SER B 173 10.72 -18.38 2.92
C SER B 173 9.97 -19.05 1.77
N TYR B 174 10.62 -19.99 1.14
CA TYR B 174 10.06 -20.68 0.03
C TYR B 174 9.56 -19.83 -1.07
N PRO B 175 10.42 -19.16 -1.77
CA PRO B 175 11.86 -18.99 -1.69
C PRO B 175 12.28 -17.95 -0.70
N GLN B 176 13.46 -18.12 -0.18
CA GLN B 176 13.95 -17.19 0.78
C GLN B 176 14.21 -15.85 0.16
N LYS B 177 13.84 -14.82 0.86
CA LYS B 177 14.08 -13.46 0.39
C LYS B 177 14.33 -12.66 1.66
N PRO B 178 15.36 -11.80 1.68
CA PRO B 178 15.53 -10.90 2.81
C PRO B 178 14.53 -9.76 2.72
N PRO B 179 14.28 -9.04 3.82
CA PRO B 179 13.41 -7.87 3.73
C PRO B 179 13.98 -6.87 2.73
N VAL B 180 13.10 -6.31 1.91
CA VAL B 180 13.52 -5.34 0.91
C VAL B 180 14.18 -4.15 1.61
N GLY B 181 15.41 -3.82 1.19
CA GLY B 181 16.11 -2.66 1.72
C GLY B 181 16.83 -2.88 3.03
N ALA B 182 16.90 -4.14 3.50
CA ALA B 182 17.47 -4.43 4.81
C ALA B 182 18.94 -4.10 4.91
N ALA B 183 19.64 -3.96 3.77
CA ALA B 183 21.06 -3.62 3.81
C ALA B 183 21.33 -2.27 4.45
N LEU B 184 20.32 -1.40 4.54
CA LEU B 184 20.51 -0.07 5.09
C LEU B 184 20.42 0.00 6.63
N TRP B 185 19.85 -1.02 7.28
CA TRP B 185 19.46 -0.86 8.69
C TRP B 185 20.66 -0.68 9.60
N LYS B 186 21.72 -1.45 9.39
CA LYS B 186 22.93 -1.28 10.21
C LYS B 186 23.61 0.07 9.92
N LEU B 187 23.60 0.49 8.66
CA LEU B 187 24.14 1.81 8.32
C LEU B 187 23.31 2.93 8.93
N MET B 188 22.01 2.71 9.11
CA MET B 188 21.15 3.75 9.68
C MET B 188 21.51 4.03 11.12
N GLU B 189 21.87 2.99 11.89
CA GLU B 189 22.30 3.17 13.28
C GLU B 189 23.64 3.89 13.35
N ARG B 190 24.56 3.59 12.43
CA ARG B 190 25.85 4.28 12.35
C ARG B 190 25.81 5.45 11.36
N ALA B 191 24.64 6.02 11.13
CA ALA B 191 24.49 6.99 10.04
C ALA B 191 25.33 8.24 10.24
N ARG B 192 25.61 8.61 11.49
CA ARG B 192 26.44 9.78 11.76
C ARG B 192 27.88 9.62 11.28
N GLN B 193 28.35 8.38 11.09
CA GLN B 193 29.70 8.12 10.61
C GLN B 193 29.83 8.15 9.09
N VAL B 194 28.72 8.06 8.33
CA VAL B 194 28.86 7.84 6.89
C VAL B 194 28.11 8.87 6.03
N GLY B 195 27.59 9.93 6.65
CA GLY B 195 26.83 10.90 5.89
C GLY B 195 25.57 10.34 5.27
N LEU B 196 24.89 9.41 5.97
CA LEU B 196 23.59 8.88 5.57
C LEU B 196 22.47 9.58 6.36
N HIS B 197 21.43 10.02 5.64
CA HIS B 197 20.28 10.72 6.21
C HIS B 197 19.00 10.09 5.68
N VAL B 198 18.41 9.20 6.48
CA VAL B 198 17.20 8.50 6.10
C VAL B 198 16.00 9.24 6.69
N PHE B 199 15.08 9.66 5.82
CA PHE B 199 13.79 10.21 6.23
C PHE B 199 12.74 9.22 5.77
N SER B 200 12.15 8.53 6.73
CA SER B 200 11.31 7.37 6.47
C SER B 200 9.94 7.60 7.10
N THR B 201 8.91 7.24 6.34
CA THR B 201 7.51 7.50 6.62
C THR B 201 6.81 6.17 6.88
N ARG B 202 5.90 6.13 7.85
CA ARG B 202 5.08 4.93 8.05
C ARG B 202 3.68 5.26 8.52
N ASN B 203 2.68 4.66 7.87
CA ASN B 203 1.32 4.65 8.40
C ASN B 203 1.32 4.09 9.82
N SER B 204 0.63 4.76 10.73
CA SER B 204 0.65 4.38 12.14
C SER B 204 -0.75 4.12 12.69
N ALA B 205 -1.71 3.76 11.84
CA ALA B 205 -3.03 3.39 12.33
C ALA B 205 -2.94 2.25 13.35
N ASN B 206 -2.11 1.25 13.08
CA ASN B 206 -1.91 0.14 14.00
C ASN B 206 -0.75 0.50 14.92
N TRP B 207 -1.08 1.15 16.04
CA TRP B 207 -0.05 1.66 16.95
C TRP B 207 0.75 0.55 17.60
N ALA B 208 0.16 -0.64 17.75
CA ALA B 208 0.80 -1.69 18.53
C ALA B 208 1.89 -2.41 17.73
N THR B 209 1.70 -2.57 16.42
CA THR B 209 2.72 -3.21 15.60
C THR B 209 3.81 -2.24 15.18
N MET B 210 3.53 -0.94 15.21
CA MET B 210 4.47 0.04 14.68
C MET B 210 5.88 -0.06 15.28
N PRO B 211 6.07 -0.19 16.60
CA PRO B 211 7.44 -0.31 17.13
C PRO B 211 8.13 -1.62 16.76
N MET B 212 7.40 -2.61 16.25
CA MET B 212 8.03 -3.81 15.74
C MET B 212 8.59 -3.62 14.33
N ASP B 213 8.19 -2.56 13.65
CA ASP B 213 8.64 -2.37 12.27
C ASP B 213 10.15 -2.12 12.27
N PRO B 214 10.91 -2.86 11.46
CA PRO B 214 12.39 -2.74 11.52
C PRO B 214 12.94 -1.38 11.13
N TRP B 215 12.26 -0.65 10.23
CA TRP B 215 12.65 0.72 9.91
C TRP B 215 12.47 1.61 11.13
N VAL B 216 11.35 1.44 11.84
CA VAL B 216 11.12 2.16 13.09
C VAL B 216 12.18 1.77 14.12
N LYS B 217 12.52 0.48 14.21
CA LYS B 217 13.52 0.05 15.20
C LYS B 217 14.91 0.58 14.87
N SER B 218 15.33 0.47 13.60
CA SER B 218 16.62 1.05 13.18
C SER B 218 16.69 2.53 13.52
N GLN B 219 15.62 3.28 13.22
CA GLN B 219 15.64 4.71 13.49
C GLN B 219 15.63 4.98 14.99
N THR B 220 14.92 4.14 15.77
CA THR B 220 14.99 4.30 17.22
C THR B 220 16.41 3.98 17.71
N SER B 221 17.01 2.89 17.23
CA SER B 221 18.39 2.62 17.61
C SER B 221 19.29 3.79 17.25
N ALA B 222 19.05 4.40 16.08
CA ALA B 222 19.86 5.50 15.59
C ALA B 222 19.69 6.78 16.41
N LYS B 223 18.65 6.85 17.24
CA LYS B 223 18.35 8.03 18.06
C LYS B 223 18.05 9.26 17.21
N VAL B 224 17.41 9.07 16.05
CA VAL B 224 16.89 10.22 15.32
C VAL B 224 15.60 10.69 15.97
N ALA B 225 15.28 11.96 15.75
CA ALA B 225 13.98 12.46 16.15
C ALA B 225 12.88 11.75 15.37
N GLN B 226 11.68 11.77 15.93
CA GLN B 226 10.52 11.17 15.30
C GLN B 226 9.40 12.19 15.27
N LEU B 227 8.68 12.25 14.15
CA LEU B 227 7.61 13.20 13.95
C LEU B 227 6.29 12.44 13.92
N TYR B 228 5.46 12.63 14.96
CA TYR B 228 4.17 11.93 15.08
C TYR B 228 3.08 12.85 14.55
N MET B 229 2.59 12.56 13.36
CA MET B 229 1.54 13.41 12.79
C MET B 229 0.21 12.88 13.28
N ASP B 230 -0.87 13.12 12.54
CA ASP B 230 -2.20 12.74 12.99
C ASP B 230 -2.22 11.32 13.54
N ASN B 231 -2.73 11.19 14.78
CA ASN B 231 -2.78 9.91 15.45
C ASN B 231 -3.91 9.92 16.47
N ASP B 232 -4.29 8.72 16.91
CA ASP B 232 -5.34 8.53 17.90
C ASP B 232 -4.87 9.01 19.28
N PRO B 233 -5.57 9.96 19.92
CA PRO B 233 -5.08 10.51 21.19
C PRO B 233 -5.06 9.52 22.34
N GLN B 234 -5.63 8.33 22.20
CA GLN B 234 -5.51 7.30 23.22
C GLN B 234 -4.11 6.69 23.27
N ASN B 235 -3.31 6.89 22.23
CA ASN B 235 -1.99 6.28 22.16
C ASN B 235 -0.94 7.20 22.80
N ARG B 236 0.07 6.59 23.40
CA ARG B 236 1.13 7.32 24.08
C ARG B 236 2.44 7.17 23.31
N ILE B 237 3.11 8.29 23.11
CA ILE B 237 4.47 8.30 22.57
C ILE B 237 5.45 8.04 23.70
N ASN B 238 6.30 7.03 23.54
CA ASN B 238 7.33 6.71 24.54
C ASN B 238 6.72 6.55 25.93
N ARG B 239 5.50 6.02 25.99
CA ARG B 239 4.72 5.77 27.20
C ARG B 239 4.59 7.00 28.01
N SER B 240 4.50 8.12 27.36
CA SER B 240 4.44 9.38 28.03
C SER B 240 3.60 10.45 27.42
N VAL B 241 3.99 10.95 26.27
CA VAL B 241 3.26 11.99 25.63
C VAL B 241 2.13 11.44 24.83
N ARG B 242 1.00 12.05 24.98
CA ARG B 242 -0.14 11.64 24.26
C ARG B 242 -0.05 12.04 22.83
N ALA B 243 -0.32 11.14 21.93
CA ALA B 243 -0.41 11.53 20.53
C ALA B 243 -1.60 12.45 20.35
N GLN B 244 -1.57 13.25 19.28
CA GLN B 244 -2.65 14.19 19.01
C GLN B 244 -3.29 13.89 17.67
N THR B 245 -4.60 14.07 17.61
CA THR B 245 -5.28 14.13 16.34
C THR B 245 -5.07 15.52 15.75
N LEU B 246 -4.66 15.58 14.48
CA LEU B 246 -4.13 16.80 13.89
C LEU B 246 -4.54 16.89 12.43
N PRO B 247 -4.73 18.10 11.90
CA PRO B 247 -4.99 18.25 10.45
C PRO B 247 -3.75 17.93 9.65
N PRO B 248 -3.85 17.89 8.33
CA PRO B 248 -2.69 17.48 7.52
C PRO B 248 -1.52 18.46 7.62
N GLY B 249 -0.31 17.91 7.63
CA GLY B 249 0.89 18.70 7.73
C GLY B 249 1.35 18.98 9.14
N ARG B 250 0.50 18.75 10.14
CA ARG B 250 0.86 18.99 11.52
C ARG B 250 1.44 17.74 12.16
N GLY B 251 2.36 17.95 13.10
CA GLY B 251 2.91 16.83 13.84
C GLY B 251 3.59 17.29 15.11
N LEU B 252 3.89 16.32 15.96
CA LEU B 252 4.70 16.53 17.15
C LEU B 252 6.09 16.01 16.85
N LEU B 253 7.08 16.90 16.89
CA LEU B 253 8.46 16.53 16.66
C LEU B 253 9.08 16.17 18.00
N VAL B 254 9.54 14.93 18.12
CA VAL B 254 10.02 14.36 19.37
C VAL B 254 11.49 14.03 19.18
N GLY B 255 12.37 14.76 19.89
CA GLY B 255 13.78 14.41 19.88
C GLY B 255 14.09 13.23 20.77
N ALA B 256 15.21 12.55 20.48
CA ALA B 256 15.65 11.44 21.33
C ALA B 256 15.92 11.87 22.76
N ASP B 257 16.10 13.18 22.99
CA ASP B 257 16.29 13.71 24.33
C ASP B 257 14.97 14.00 25.05
N GLY B 258 13.83 13.77 24.42
CA GLY B 258 12.54 14.03 25.02
C GLY B 258 11.92 15.38 24.71
N ASP B 259 12.64 16.28 24.03
CA ASP B 259 12.05 17.51 23.55
C ASP B 259 10.88 17.24 22.61
N VAL B 260 9.79 18.00 22.79
CA VAL B 260 8.56 17.84 22.03
C VAL B 260 8.13 19.20 21.55
N GLU B 261 7.94 19.35 20.23
CA GLU B 261 7.47 20.61 19.65
C GLU B 261 6.41 20.35 18.60
N GLY B 262 5.33 21.13 18.62
CA GLY B 262 4.35 21.09 17.56
C GLY B 262 4.86 21.85 16.34
N ILE B 263 4.78 21.23 15.16
CA ILE B 263 5.31 21.83 13.94
C ILE B 263 4.27 21.71 12.83
N LEU B 264 4.45 22.55 11.80
CA LEU B 264 3.64 22.50 10.60
C LEU B 264 4.55 22.43 9.39
N VAL B 265 4.38 21.40 8.56
CA VAL B 265 5.25 21.17 7.41
C VAL B 265 4.94 22.20 6.32
N GLY B 266 5.99 22.78 5.75
CA GLY B 266 5.79 23.71 4.64
C GLY B 266 5.23 23.01 3.41
N TYR B 267 4.23 23.62 2.77
CA TYR B 267 3.62 23.01 1.60
C TYR B 267 4.54 23.18 0.40
N PRO B 268 5.01 22.09 -0.21
CA PRO B 268 6.05 22.20 -1.25
C PRO B 268 5.58 22.98 -2.47
N SER B 269 6.54 23.56 -3.13
CA SER B 269 6.33 24.34 -4.32
C SER B 269 5.68 23.58 -5.43
N VAL B 270 4.56 24.12 -5.85
CA VAL B 270 3.76 23.61 -6.93
C VAL B 270 4.51 23.09 -8.14
#